data_7PZM
#
_entry.id   7PZM
#
_cell.length_a   1.00
_cell.length_b   1.00
_cell.length_c   1.00
_cell.angle_alpha   90.00
_cell.angle_beta   90.00
_cell.angle_gamma   90.00
#
_symmetry.space_group_name_H-M   'P 1'
#
loop_
_entity.id
_entity.type
_entity.pdbx_description
1 polymer 'Capsid protein'
2 non-polymer 'FRAGMENT OF TRITON X-100'
#
_entity_poly.entity_id   1
_entity_poly.type   'polypeptide(L)'
_entity_poly.pdbx_seq_one_letter_code
;MDIDTYKEFGATVELLSFLPSDFFPSVRDLLDTASALYREALESPEHCSPHHTALRQAILCWGELMTLATWVGVNLEDPA
SRDLVVSYVNTNMGLKFRQLLWFHISCLTFGRETVIEYLVSFGVWIRTPPAYRPPNAPILSTLPETTVVRRRGRSPRRRT
PSPRRRRSQSPRRRRSQSRESQC
;
_entity_poly.pdbx_strand_id   B,A,C,D
#
loop_
_chem_comp.id
_chem_comp.type
_chem_comp.name
_chem_comp.formula
TRT non-polymer 'FRAGMENT OF TRITON X-100' 'C21 H36 O4'
#
# COMPACT_ATOMS: atom_id res chain seq x y z
N MET A 1 -12.85 -32.55 10.40
CA MET A 1 -14.18 -32.05 10.85
C MET A 1 -15.12 -31.85 9.66
N ASP A 2 -14.63 -32.16 8.46
CA ASP A 2 -15.43 -32.10 7.25
C ASP A 2 -16.04 -30.71 7.05
N ILE A 3 -15.16 -29.73 6.87
CA ILE A 3 -15.55 -28.35 6.67
C ILE A 3 -15.32 -27.99 5.20
N ASP A 4 -16.24 -27.21 4.65
CA ASP A 4 -16.15 -26.72 3.27
C ASP A 4 -15.90 -25.22 3.31
N THR A 5 -14.89 -24.77 2.56
CA THR A 5 -14.50 -23.37 2.62
C THR A 5 -15.63 -22.43 2.22
N TYR A 6 -16.49 -22.86 1.29
CA TYR A 6 -17.45 -21.97 0.66
C TYR A 6 -18.89 -22.27 1.03
N LYS A 7 -19.16 -23.40 1.67
CA LYS A 7 -20.53 -23.71 2.08
C LYS A 7 -21.12 -22.59 2.93
N GLU A 8 -20.29 -21.92 3.71
CA GLU A 8 -20.74 -20.77 4.49
C GLU A 8 -21.12 -19.59 3.61
N PHE A 9 -20.59 -19.52 2.39
CA PHE A 9 -20.83 -18.39 1.50
C PHE A 9 -21.80 -18.72 0.38
N GLY A 10 -22.27 -19.95 0.31
CA GLY A 10 -23.26 -20.33 -0.68
C GLY A 10 -22.72 -21.07 -1.88
N ALA A 11 -21.49 -21.54 -1.82
CA ALA A 11 -20.86 -22.28 -2.90
C ALA A 11 -20.41 -23.64 -2.37
N THR A 12 -19.63 -24.35 -3.18
CA THR A 12 -19.32 -25.73 -2.88
C THR A 12 -18.13 -26.16 -3.72
N VAL A 13 -17.23 -26.93 -3.12
CA VAL A 13 -16.01 -27.35 -3.81
C VAL A 13 -16.35 -28.03 -5.12
N GLU A 14 -17.47 -28.75 -5.19
CA GLU A 14 -17.89 -29.36 -6.44
C GLU A 14 -18.35 -28.33 -7.46
N LEU A 15 -18.63 -27.10 -7.04
CA LEU A 15 -19.02 -26.06 -7.99
C LEU A 15 -17.81 -25.37 -8.58
N LEU A 16 -16.79 -25.12 -7.78
CA LEU A 16 -15.54 -24.54 -8.25
C LEU A 16 -14.56 -25.59 -8.77
N SER A 17 -14.93 -26.86 -8.72
CA SER A 17 -14.07 -27.93 -9.23
C SER A 17 -13.95 -27.91 -10.74
N PHE A 18 -14.81 -27.17 -11.43
CA PHE A 18 -14.81 -27.14 -12.89
C PHE A 18 -13.85 -26.11 -13.44
N LEU A 19 -13.78 -24.94 -12.83
CA LEU A 19 -12.80 -23.93 -13.19
C LEU A 19 -11.42 -24.57 -13.28
N PRO A 20 -10.74 -24.48 -14.43
CA PRO A 20 -9.42 -25.12 -14.53
C PRO A 20 -8.35 -24.36 -13.77
N SER A 21 -7.10 -24.83 -13.88
CA SER A 21 -6.00 -24.15 -13.21
C SER A 21 -5.61 -22.88 -13.95
N ASP A 22 -5.71 -22.88 -15.27
CA ASP A 22 -5.36 -21.70 -16.07
C ASP A 22 -6.38 -20.58 -15.93
N PHE A 23 -7.44 -20.76 -15.15
CA PHE A 23 -8.45 -19.73 -14.98
C PHE A 23 -8.09 -18.74 -13.88
N PHE A 24 -7.18 -19.09 -13.00
CA PHE A 24 -6.90 -18.28 -11.82
C PHE A 24 -5.61 -17.52 -12.00
N PRO A 25 -5.59 -16.22 -11.73
CA PRO A 25 -4.32 -15.48 -11.80
C PRO A 25 -3.34 -15.97 -10.75
N SER A 26 -2.09 -15.58 -10.93
CA SER A 26 -1.05 -15.97 -10.00
C SER A 26 -1.36 -15.43 -8.61
N VAL A 27 -0.68 -16.01 -7.62
CA VAL A 27 -0.91 -15.60 -6.23
C VAL A 27 -0.47 -14.17 -6.04
N ARG A 28 0.65 -13.77 -6.64
CA ARG A 28 1.09 -12.39 -6.53
C ARG A 28 0.06 -11.44 -7.14
N ASP A 29 -0.48 -11.80 -8.30
CA ASP A 29 -1.48 -10.95 -8.94
C ASP A 29 -2.71 -10.81 -8.08
N LEU A 30 -3.21 -11.91 -7.53
CA LEU A 30 -4.41 -11.85 -6.71
C LEU A 30 -4.17 -11.10 -5.40
N LEU A 31 -2.96 -11.23 -4.84
CA LEU A 31 -2.65 -10.49 -3.62
C LEU A 31 -2.54 -9.00 -3.89
N ASP A 32 -1.93 -8.62 -5.01
CA ASP A 32 -1.89 -7.21 -5.39
C ASP A 32 -3.30 -6.66 -5.61
N THR A 33 -4.17 -7.45 -6.25
CA THR A 33 -5.56 -7.05 -6.41
C THR A 33 -6.21 -6.82 -5.06
N ALA A 34 -6.10 -7.81 -4.17
CA ALA A 34 -6.69 -7.70 -2.85
C ALA A 34 -6.18 -6.46 -2.12
N SER A 35 -4.87 -6.24 -2.16
CA SER A 35 -4.32 -5.04 -1.53
C SER A 35 -4.97 -3.79 -2.12
N ALA A 36 -4.74 -3.54 -3.41
CA ALA A 36 -5.18 -2.30 -4.03
C ALA A 36 -6.67 -2.05 -3.89
N LEU A 37 -7.47 -3.10 -3.71
CA LEU A 37 -8.91 -2.93 -3.65
C LEU A 37 -9.48 -2.90 -2.25
N TYR A 38 -8.87 -3.59 -1.27
CA TYR A 38 -9.46 -3.71 0.04
C TYR A 38 -8.43 -3.66 1.17
N ARG A 39 -7.30 -2.96 0.98
CA ARG A 39 -6.29 -2.93 2.03
C ARG A 39 -6.78 -2.17 3.26
N GLU A 40 -7.40 -1.01 3.05
CA GLU A 40 -7.88 -0.22 4.16
C GLU A 40 -8.95 -0.96 4.97
N ALA A 41 -9.58 -1.96 4.38
CA ALA A 41 -10.61 -2.74 5.08
C ALA A 41 -10.05 -4.01 5.69
N LEU A 42 -9.07 -4.66 5.04
CA LEU A 42 -8.47 -5.85 5.61
C LEU A 42 -7.58 -5.50 6.79
N GLU A 43 -6.88 -4.35 6.72
CA GLU A 43 -6.10 -3.86 7.84
C GLU A 43 -6.93 -3.09 8.85
N SER A 44 -8.25 -3.17 8.76
CA SER A 44 -9.16 -2.46 9.63
C SER A 44 -9.49 -3.29 10.86
N PRO A 45 -9.89 -2.65 11.96
CA PRO A 45 -10.25 -3.41 13.17
C PRO A 45 -11.71 -3.85 13.18
N GLU A 46 -12.36 -3.82 12.03
CA GLU A 46 -13.79 -4.10 11.93
C GLU A 46 -14.03 -5.43 11.24
N HIS A 47 -15.11 -6.11 11.65
CA HIS A 47 -15.65 -7.23 10.89
C HIS A 47 -16.42 -6.66 9.72
N CYS A 48 -15.70 -6.35 8.65
CA CYS A 48 -16.34 -5.71 7.51
C CYS A 48 -17.19 -6.70 6.74
N SER A 49 -16.77 -7.96 6.66
CA SER A 49 -17.53 -8.99 5.98
C SER A 49 -16.85 -10.34 6.22
N PRO A 50 -17.62 -11.42 6.17
CA PRO A 50 -17.00 -12.76 6.23
C PRO A 50 -15.97 -12.96 5.15
N HIS A 51 -16.16 -12.34 3.99
CA HIS A 51 -15.15 -12.40 2.94
C HIS A 51 -13.85 -11.79 3.42
N HIS A 52 -13.93 -10.62 4.05
CA HIS A 52 -12.73 -10.00 4.61
C HIS A 52 -12.08 -10.91 5.64
N THR A 53 -12.88 -11.49 6.54
CA THR A 53 -12.34 -12.39 7.55
C THR A 53 -11.56 -13.55 6.91
N ALA A 54 -12.22 -14.28 6.02
CA ALA A 54 -11.59 -15.44 5.40
C ALA A 54 -10.38 -15.04 4.59
N LEU A 55 -10.43 -13.87 3.96
CA LEU A 55 -9.33 -13.42 3.12
C LEU A 55 -8.12 -13.06 3.96
N ARG A 56 -8.35 -12.41 5.11
CA ARG A 56 -7.28 -12.19 6.07
C ARG A 56 -6.64 -13.49 6.51
N GLN A 57 -7.48 -14.45 6.92
CA GLN A 57 -6.93 -15.72 7.39
C GLN A 57 -6.13 -16.43 6.31
N ALA A 58 -6.61 -16.41 5.07
CA ALA A 58 -5.89 -17.05 3.97
C ALA A 58 -4.58 -16.35 3.68
N ILE A 59 -4.56 -15.02 3.73
CA ILE A 59 -3.31 -14.28 3.53
C ILE A 59 -2.31 -14.65 4.61
N LEU A 60 -2.77 -14.79 5.85
CA LEU A 60 -1.87 -15.19 6.93
C LEU A 60 -1.33 -16.59 6.71
N CYS A 61 -2.19 -17.53 6.31
CA CYS A 61 -1.72 -18.87 5.97
C CYS A 61 -0.66 -18.84 4.88
N TRP A 62 -0.89 -18.05 3.83
CA TRP A 62 0.09 -17.99 2.75
C TRP A 62 1.40 -17.37 3.23
N GLY A 63 1.33 -16.37 4.10
CA GLY A 63 2.54 -15.81 4.65
C GLY A 63 3.33 -16.82 5.45
N GLU A 64 2.64 -17.63 6.25
CA GLU A 64 3.32 -18.68 6.99
C GLU A 64 3.92 -19.74 6.06
N LEU A 65 3.24 -20.01 4.94
CA LEU A 65 3.79 -20.97 3.98
C LEU A 65 5.05 -20.42 3.31
N MET A 66 5.05 -19.12 2.98
CA MET A 66 6.25 -18.50 2.44
C MET A 66 7.38 -18.53 3.46
N THR A 67 7.07 -18.29 4.74
CA THR A 67 8.06 -18.44 5.79
C THR A 67 8.64 -19.85 5.79
N LEU A 68 7.77 -20.86 5.69
CA LEU A 68 8.23 -22.24 5.61
C LEU A 68 9.16 -22.44 4.41
N ALA A 69 8.81 -21.87 3.27
CA ALA A 69 9.63 -22.05 2.07
C ALA A 69 11.01 -21.44 2.25
N THR A 70 11.06 -20.22 2.81
CA THR A 70 12.36 -19.60 3.08
C THR A 70 13.17 -20.43 4.06
N TRP A 71 12.53 -20.87 5.14
CA TRP A 71 13.22 -21.71 6.12
C TRP A 71 13.77 -22.96 5.47
N VAL A 72 13.02 -23.57 4.56
CA VAL A 72 13.50 -24.75 3.86
C VAL A 72 14.72 -24.42 3.02
N GLY A 73 14.58 -23.41 2.16
CA GLY A 73 15.70 -23.01 1.31
C GLY A 73 16.95 -22.67 2.10
N VAL A 74 16.78 -22.25 3.36
CA VAL A 74 17.94 -21.88 4.16
C VAL A 74 18.49 -23.05 4.97
N ASN A 75 17.66 -24.03 5.34
CA ASN A 75 18.04 -25.03 6.32
C ASN A 75 18.14 -26.45 5.77
N LEU A 76 17.73 -26.71 4.53
CA LEU A 76 17.81 -28.05 3.97
C LEU A 76 19.06 -28.20 3.13
N GLU A 77 19.75 -29.32 3.32
CA GLU A 77 21.01 -29.60 2.62
C GLU A 77 20.79 -30.27 1.27
N ASP A 78 19.68 -31.00 1.09
CA ASP A 78 19.44 -31.73 -0.14
C ASP A 78 18.68 -30.84 -1.11
N PRO A 79 19.31 -30.37 -2.20
CA PRO A 79 18.57 -29.52 -3.14
C PRO A 79 17.38 -30.19 -3.76
N ALA A 80 17.45 -31.50 -4.02
CA ALA A 80 16.31 -32.21 -4.59
C ALA A 80 15.09 -32.10 -3.68
N SER A 81 15.26 -32.48 -2.42
CA SER A 81 14.14 -32.44 -1.48
C SER A 81 13.67 -31.01 -1.25
N ARG A 82 14.62 -30.07 -1.16
CA ARG A 82 14.26 -28.67 -0.96
C ARG A 82 13.37 -28.17 -2.10
N ASP A 83 13.82 -28.36 -3.34
CA ASP A 83 13.05 -27.92 -4.49
C ASP A 83 11.72 -28.66 -4.58
N LEU A 84 11.71 -29.94 -4.20
CA LEU A 84 10.45 -30.69 -4.25
C LEU A 84 9.44 -30.11 -3.28
N VAL A 85 9.87 -29.79 -2.05
CA VAL A 85 8.96 -29.23 -1.07
C VAL A 85 8.48 -27.86 -1.53
N VAL A 86 9.39 -27.02 -2.02
CA VAL A 86 9.01 -25.67 -2.45
C VAL A 86 8.03 -25.74 -3.60
N SER A 87 8.28 -26.64 -4.56
CA SER A 87 7.38 -26.77 -5.70
C SER A 87 6.01 -27.28 -5.27
N TYR A 88 5.99 -28.29 -4.38
CA TYR A 88 4.72 -28.74 -3.83
C TYR A 88 3.94 -27.57 -3.25
N VAL A 89 4.58 -26.83 -2.32
CA VAL A 89 3.92 -25.73 -1.65
C VAL A 89 3.36 -24.81 -2.72
N ASN A 90 4.24 -24.22 -3.53
CA ASN A 90 3.77 -23.24 -4.49
C ASN A 90 2.67 -23.80 -5.37
N THR A 91 2.95 -24.79 -6.19
CA THR A 91 1.96 -25.28 -7.14
C THR A 91 0.66 -25.66 -6.44
N ASN A 92 0.71 -26.68 -5.59
CA ASN A 92 -0.53 -27.26 -5.08
C ASN A 92 -1.24 -26.32 -4.12
N MET A 93 -0.54 -25.86 -3.08
CA MET A 93 -1.22 -24.99 -2.12
C MET A 93 -1.66 -23.68 -2.76
N GLY A 94 -0.88 -23.13 -3.68
CA GLY A 94 -1.28 -21.90 -4.33
C GLY A 94 -2.44 -22.08 -5.28
N LEU A 95 -2.65 -23.29 -5.80
CA LEU A 95 -3.86 -23.53 -6.57
C LEU A 95 -5.09 -23.28 -5.70
N LYS A 96 -5.13 -23.87 -4.50
CA LYS A 96 -6.24 -23.64 -3.58
C LYS A 96 -6.29 -22.19 -3.13
N PHE A 97 -5.12 -21.59 -2.88
CA PHE A 97 -5.08 -20.21 -2.43
C PHE A 97 -5.64 -19.27 -3.50
N ARG A 98 -5.29 -19.52 -4.76
CA ARG A 98 -5.84 -18.72 -5.86
C ARG A 98 -7.33 -18.93 -5.99
N GLN A 99 -7.77 -20.19 -5.91
CA GLN A 99 -9.20 -20.48 -5.91
C GLN A 99 -9.93 -19.63 -4.87
N LEU A 100 -9.41 -19.61 -3.63
CA LEU A 100 -10.10 -18.92 -2.55
C LEU A 100 -10.04 -17.41 -2.73
N LEU A 101 -8.87 -16.87 -3.07
CA LEU A 101 -8.73 -15.44 -3.31
C LEU A 101 -9.68 -15.00 -4.43
N TRP A 102 -9.69 -15.74 -5.54
CA TRP A 102 -10.60 -15.42 -6.63
C TRP A 102 -12.04 -15.42 -6.15
N PHE A 103 -12.47 -16.49 -5.48
CA PHE A 103 -13.85 -16.56 -5.03
C PHE A 103 -14.22 -15.33 -4.21
N HIS A 104 -13.38 -14.99 -3.22
CA HIS A 104 -13.74 -13.94 -2.28
C HIS A 104 -13.67 -12.56 -2.93
N ILE A 105 -12.60 -12.28 -3.68
CA ILE A 105 -12.48 -11.00 -4.37
C ILE A 105 -13.64 -10.83 -5.35
N SER A 106 -13.92 -11.86 -6.14
CA SER A 106 -14.99 -11.78 -7.12
C SER A 106 -16.34 -11.59 -6.46
N CYS A 107 -16.58 -12.24 -5.33
CA CYS A 107 -17.84 -12.04 -4.64
C CYS A 107 -17.94 -10.60 -4.13
N LEU A 108 -16.95 -10.14 -3.38
CA LEU A 108 -16.94 -8.76 -2.90
C LEU A 108 -17.17 -7.79 -4.04
N THR A 109 -16.63 -8.08 -5.22
CA THR A 109 -16.75 -7.16 -6.35
C THR A 109 -18.14 -7.20 -6.96
N PHE A 110 -18.57 -8.37 -7.42
CA PHE A 110 -19.78 -8.49 -8.22
C PHE A 110 -21.02 -8.81 -7.39
N GLY A 111 -20.94 -9.81 -6.51
CA GLY A 111 -22.10 -10.31 -5.82
C GLY A 111 -22.08 -11.82 -5.74
N ARG A 112 -22.59 -12.36 -4.64
CA ARG A 112 -22.67 -13.80 -4.46
C ARG A 112 -23.53 -14.44 -5.54
N GLU A 113 -24.70 -13.85 -5.81
CA GLU A 113 -25.58 -14.39 -6.85
C GLU A 113 -24.89 -14.38 -8.20
N THR A 114 -24.25 -13.26 -8.54
CA THR A 114 -23.56 -13.16 -9.82
C THR A 114 -22.47 -14.20 -9.95
N VAL A 115 -21.68 -14.39 -8.90
CA VAL A 115 -20.57 -15.33 -8.96
C VAL A 115 -21.08 -16.76 -9.07
N ILE A 116 -22.16 -17.09 -8.37
CA ILE A 116 -22.67 -18.44 -8.42
C ILE A 116 -23.30 -18.74 -9.78
N GLU A 117 -24.00 -17.75 -10.34
CA GLU A 117 -24.53 -17.92 -11.69
C GLU A 117 -23.41 -18.07 -12.71
N TYR A 118 -22.35 -17.28 -12.57
CA TYR A 118 -21.19 -17.44 -13.44
C TYR A 118 -20.60 -18.83 -13.30
N LEU A 119 -20.55 -19.37 -12.08
CA LEU A 119 -20.00 -20.70 -11.88
C LEU A 119 -20.85 -21.77 -12.54
N VAL A 120 -22.18 -21.65 -12.41
CA VAL A 120 -23.08 -22.59 -13.06
C VAL A 120 -22.89 -22.56 -14.57
N SER A 121 -22.89 -21.35 -15.15
CA SER A 121 -22.75 -21.23 -16.59
C SER A 121 -21.39 -21.72 -17.07
N PHE A 122 -20.34 -21.43 -16.33
CA PHE A 122 -19.01 -21.91 -16.70
C PHE A 122 -18.93 -23.42 -16.61
N GLY A 123 -19.63 -24.02 -15.65
CA GLY A 123 -19.68 -25.48 -15.61
C GLY A 123 -20.39 -26.04 -16.83
N VAL A 124 -21.54 -25.47 -17.17
CA VAL A 124 -22.23 -25.86 -18.39
C VAL A 124 -21.29 -25.78 -19.59
N TRP A 125 -20.51 -24.71 -19.66
CA TRP A 125 -19.63 -24.51 -20.81
C TRP A 125 -18.49 -25.53 -20.83
N ILE A 126 -17.85 -25.75 -19.69
CA ILE A 126 -16.66 -26.60 -19.64
C ILE A 126 -17.00 -28.08 -19.67
N ARG A 127 -18.22 -28.47 -19.30
CA ARG A 127 -18.63 -29.86 -19.46
C ARG A 127 -18.92 -30.18 -20.92
N THR A 128 -19.52 -29.25 -21.64
CA THR A 128 -19.75 -29.44 -23.06
C THR A 128 -18.41 -29.65 -23.77
N PRO A 129 -18.33 -30.61 -24.69
CA PRO A 129 -17.10 -30.76 -25.47
C PRO A 129 -16.90 -29.60 -26.43
N PRO A 130 -15.67 -29.41 -26.92
CA PRO A 130 -15.40 -28.28 -27.81
C PRO A 130 -16.21 -28.31 -29.09
N ALA A 131 -16.52 -29.50 -29.60
CA ALA A 131 -17.26 -29.60 -30.86
C ALA A 131 -18.66 -29.04 -30.74
N TYR A 132 -19.17 -28.85 -29.53
CA TYR A 132 -20.52 -28.38 -29.33
C TYR A 132 -20.62 -27.19 -28.39
N ARG A 133 -19.50 -26.69 -27.87
CA ARG A 133 -19.56 -25.47 -27.09
C ARG A 133 -18.97 -24.29 -27.86
N PRO A 134 -19.44 -23.08 -27.61
CA PRO A 134 -18.78 -21.91 -28.19
C PRO A 134 -17.32 -21.89 -27.81
N PRO A 135 -16.46 -21.26 -28.62
CA PRO A 135 -15.02 -21.30 -28.36
C PRO A 135 -14.55 -20.29 -27.33
N ASN A 136 -15.38 -19.32 -26.95
CA ASN A 136 -15.02 -18.28 -26.00
C ASN A 136 -15.80 -18.50 -24.71
N ALA A 137 -15.08 -18.70 -23.62
CA ALA A 137 -15.70 -19.02 -22.34
C ALA A 137 -16.51 -17.83 -21.84
N PRO A 138 -17.40 -18.08 -20.87
CA PRO A 138 -18.08 -16.96 -20.21
C PRO A 138 -17.08 -16.09 -19.47
N ILE A 139 -17.48 -14.84 -19.23
CA ILE A 139 -16.56 -13.82 -18.76
C ILE A 139 -17.21 -13.01 -17.65
N LEU A 140 -16.52 -12.90 -16.52
CA LEU A 140 -16.90 -12.05 -15.42
C LEU A 140 -16.03 -10.81 -15.45
N SER A 141 -16.64 -9.64 -15.58
CA SER A 141 -15.87 -8.42 -15.76
C SER A 141 -16.68 -7.22 -15.30
N THR A 142 -15.96 -6.17 -14.90
CA THR A 142 -16.56 -4.89 -14.52
C THR A 142 -16.63 -3.92 -15.69
N LEU A 143 -16.40 -4.39 -16.91
CA LEU A 143 -16.28 -3.53 -18.07
C LEU A 143 -17.32 -3.91 -19.11
N MET B 1 0.22 -6.51 2.85
CA MET B 1 -0.80 -6.09 3.84
C MET B 1 -0.36 -6.47 5.26
N ASP B 2 -0.19 -5.46 6.11
CA ASP B 2 0.14 -5.68 7.52
C ASP B 2 -1.15 -5.99 8.25
N ILE B 3 -1.53 -7.26 8.26
CA ILE B 3 -2.80 -7.72 8.82
C ILE B 3 -2.55 -8.39 10.16
N ASP B 4 -3.38 -8.07 11.14
CA ASP B 4 -3.35 -8.70 12.45
C ASP B 4 -4.61 -9.54 12.61
N THR B 5 -4.43 -10.83 12.89
CA THR B 5 -5.54 -11.77 12.89
C THR B 5 -6.49 -11.58 14.08
N TYR B 6 -6.11 -10.76 15.07
CA TYR B 6 -6.94 -10.54 16.24
C TYR B 6 -7.48 -9.12 16.34
N LYS B 7 -7.12 -8.25 15.40
CA LYS B 7 -7.49 -6.85 15.49
C LYS B 7 -8.98 -6.64 15.25
N GLU B 8 -9.56 -7.41 14.33
CA GLU B 8 -10.99 -7.35 14.10
C GLU B 8 -11.80 -7.92 15.25
N PHE B 9 -11.15 -8.60 16.20
CA PHE B 9 -11.83 -9.17 17.35
C PHE B 9 -11.56 -8.41 18.64
N GLY B 10 -10.52 -7.59 18.68
CA GLY B 10 -10.27 -6.70 19.80
C GLY B 10 -8.95 -6.91 20.49
N ALA B 11 -8.15 -7.87 20.06
CA ALA B 11 -6.84 -8.14 20.64
C ALA B 11 -5.75 -7.79 19.63
N THR B 12 -4.52 -8.06 20.01
CA THR B 12 -3.37 -7.82 19.16
C THR B 12 -2.32 -8.88 19.45
N VAL B 13 -1.31 -8.93 18.59
CA VAL B 13 -0.21 -9.85 18.83
C VAL B 13 0.58 -9.47 20.07
N GLU B 14 0.41 -8.23 20.54
CA GLU B 14 1.10 -7.78 21.74
C GLU B 14 0.31 -8.06 23.00
N LEU B 15 -1.01 -8.11 22.92
CA LEU B 15 -1.83 -8.49 24.06
C LEU B 15 -1.79 -9.99 24.30
N LEU B 16 -1.62 -10.79 23.25
CA LEU B 16 -1.47 -12.23 23.40
C LEU B 16 -0.04 -12.65 23.65
N SER B 17 0.93 -11.76 23.50
CA SER B 17 2.29 -12.06 23.91
C SER B 17 2.45 -12.07 25.42
N PHE B 18 1.44 -11.56 26.15
CA PHE B 18 1.43 -11.72 27.60
C PHE B 18 1.41 -13.19 27.99
N LEU B 19 0.86 -14.04 27.14
CA LEU B 19 0.80 -15.48 27.37
C LEU B 19 2.04 -16.13 26.77
N PRO B 20 2.76 -16.98 27.51
CA PRO B 20 3.92 -17.65 26.93
C PRO B 20 3.56 -18.63 25.84
N SER B 21 4.57 -19.26 25.25
CA SER B 21 4.31 -20.28 24.23
C SER B 21 3.99 -21.63 24.85
N ASP B 22 4.56 -21.94 26.00
CA ASP B 22 4.27 -23.18 26.70
C ASP B 22 2.91 -23.15 27.39
N PHE B 23 2.15 -22.07 27.23
CA PHE B 23 0.84 -21.96 27.88
C PHE B 23 -0.26 -22.60 27.03
N PHE B 24 -0.07 -22.65 25.72
CA PHE B 24 -1.20 -23.01 24.87
C PHE B 24 -1.31 -24.53 24.75
N PRO B 25 -2.51 -25.08 24.83
CA PRO B 25 -2.66 -26.53 24.77
C PRO B 25 -2.21 -27.09 23.42
N SER B 26 -2.25 -28.41 23.33
CA SER B 26 -1.88 -29.08 22.11
C SER B 26 -2.94 -28.87 21.03
N VAL B 27 -2.51 -29.00 19.77
CA VAL B 27 -3.45 -28.91 18.67
C VAL B 27 -4.48 -30.02 18.76
N ARG B 28 -4.04 -31.21 19.18
CA ARG B 28 -4.96 -32.32 19.40
C ARG B 28 -6.06 -31.93 20.37
N ASP B 29 -5.68 -31.42 21.54
CA ASP B 29 -6.67 -31.04 22.55
C ASP B 29 -7.59 -29.93 22.05
N LEU B 30 -7.04 -28.94 21.36
CA LEU B 30 -7.85 -27.82 20.91
C LEU B 30 -8.83 -28.26 19.82
N LEU B 31 -8.40 -29.15 18.93
CA LEU B 31 -9.31 -29.66 17.91
C LEU B 31 -10.37 -30.56 18.55
N ASP B 32 -10.01 -31.33 19.57
CA ASP B 32 -11.01 -32.11 20.30
C ASP B 32 -12.07 -31.20 20.89
N THR B 33 -11.65 -30.13 21.57
CA THR B 33 -12.59 -29.17 22.12
C THR B 33 -13.46 -28.56 21.02
N ALA B 34 -12.83 -28.11 19.93
CA ALA B 34 -13.58 -27.48 18.85
C ALA B 34 -14.63 -28.41 18.29
N SER B 35 -14.26 -29.66 18.03
CA SER B 35 -15.24 -30.64 17.57
C SER B 35 -16.36 -30.74 18.59
N ALA B 36 -16.01 -31.22 19.79
CA ALA B 36 -17.02 -31.51 20.81
C ALA B 36 -18.00 -30.37 21.01
N LEU B 37 -17.55 -29.12 20.84
CA LEU B 37 -18.38 -27.99 21.23
C LEU B 37 -19.06 -27.28 20.05
N TYR B 38 -18.44 -27.27 18.86
CA TYR B 38 -18.98 -26.49 17.76
C TYR B 38 -18.86 -27.23 16.43
N ARG B 39 -18.88 -28.56 16.43
CA ARG B 39 -18.77 -29.29 15.17
C ARG B 39 -19.94 -28.98 14.25
N GLU B 40 -21.16 -29.05 14.79
CA GLU B 40 -22.35 -28.86 13.99
C GLU B 40 -22.56 -27.42 13.57
N ALA B 41 -21.82 -26.48 14.16
CA ALA B 41 -21.86 -25.08 13.76
C ALA B 41 -20.74 -24.69 12.82
N LEU B 42 -19.61 -25.40 12.88
CA LEU B 42 -18.55 -25.20 11.92
C LEU B 42 -18.84 -25.91 10.60
N GLU B 43 -19.53 -27.05 10.66
CA GLU B 43 -19.98 -27.75 9.47
C GLU B 43 -21.24 -27.14 8.87
N SER B 44 -21.75 -26.05 9.44
CA SER B 44 -23.00 -25.47 9.04
C SER B 44 -22.82 -24.51 7.87
N PRO B 45 -23.87 -24.31 7.06
CA PRO B 45 -23.80 -23.33 5.96
C PRO B 45 -24.26 -21.94 6.39
N GLU B 46 -23.59 -21.40 7.41
CA GLU B 46 -24.01 -20.13 8.00
C GLU B 46 -22.80 -19.38 8.52
N HIS B 47 -22.84 -18.05 8.39
CA HIS B 47 -21.88 -17.19 9.07
C HIS B 47 -22.29 -17.07 10.54
N CYS B 48 -22.22 -18.19 11.24
CA CYS B 48 -22.64 -18.20 12.63
C CYS B 48 -21.88 -17.16 13.43
N SER B 49 -20.61 -16.91 13.09
CA SER B 49 -19.83 -15.87 13.73
C SER B 49 -18.49 -15.71 13.04
N PRO B 50 -17.88 -14.52 13.10
CA PRO B 50 -16.52 -14.39 12.58
C PRO B 50 -15.55 -15.35 13.22
N HIS B 51 -15.79 -15.72 14.48
CA HIS B 51 -14.98 -16.75 15.11
C HIS B 51 -15.13 -18.07 14.40
N HIS B 52 -16.35 -18.43 14.03
CA HIS B 52 -16.57 -19.66 13.28
C HIS B 52 -15.85 -19.62 11.94
N THR B 53 -15.95 -18.48 11.25
CA THR B 53 -15.27 -18.35 9.95
C THR B 53 -13.77 -18.53 10.09
N ALA B 54 -13.15 -17.78 11.00
CA ALA B 54 -11.72 -17.86 11.19
C ALA B 54 -11.30 -19.25 11.63
N LEU B 55 -12.11 -19.90 12.46
CA LEU B 55 -11.76 -21.23 12.95
C LEU B 55 -11.84 -22.26 11.84
N ARG B 56 -12.85 -22.14 10.97
CA ARG B 56 -12.91 -23.00 9.78
C ARG B 56 -11.67 -22.84 8.93
N GLN B 57 -11.29 -21.59 8.63
CA GLN B 57 -10.12 -21.35 7.80
C GLN B 57 -8.87 -21.92 8.45
N ALA B 58 -8.71 -21.75 9.76
CA ALA B 58 -7.54 -22.25 10.44
C ALA B 58 -7.49 -23.77 10.42
N ILE B 59 -8.63 -24.42 10.65
CA ILE B 59 -8.66 -25.88 10.61
C ILE B 59 -8.32 -26.39 9.23
N LEU B 60 -8.81 -25.71 8.19
CA LEU B 60 -8.48 -26.12 6.82
C LEU B 60 -7.00 -25.95 6.54
N CYS B 61 -6.41 -24.84 6.99
CA CYS B 61 -4.97 -24.64 6.80
C CYS B 61 -4.17 -25.73 7.51
N TRP B 62 -4.57 -26.07 8.73
CA TRP B 62 -3.86 -27.13 9.46
C TRP B 62 -4.02 -28.47 8.76
N GLY B 63 -5.20 -28.75 8.20
CA GLY B 63 -5.37 -29.97 7.43
C GLY B 63 -4.47 -30.00 6.21
N GLU B 64 -4.33 -28.87 5.54
CA GLU B 64 -3.41 -28.80 4.41
C GLU B 64 -1.97 -29.00 4.83
N LEU B 65 -1.60 -28.48 6.00
CA LEU B 65 -0.24 -28.69 6.49
C LEU B 65 0.00 -30.15 6.85
N MET B 66 -0.99 -30.81 7.44
CA MET B 66 -0.87 -32.24 7.72
C MET B 66 -0.75 -33.03 6.42
N THR B 67 -1.52 -32.65 5.40
CA THR B 67 -1.38 -33.27 4.09
C THR B 67 0.04 -33.09 3.56
N LEU B 68 0.58 -31.88 3.69
CA LEU B 68 1.96 -31.63 3.29
C LEU B 68 2.92 -32.53 4.05
N ALA B 69 2.70 -32.72 5.35
CA ALA B 69 3.60 -33.54 6.15
C ALA B 69 3.56 -34.99 5.69
N THR B 70 2.37 -35.52 5.43
CA THR B 70 2.26 -36.90 4.93
C THR B 70 2.91 -37.03 3.56
N TRP B 71 2.64 -36.07 2.67
CA TRP B 71 3.26 -36.09 1.35
C TRP B 71 4.78 -36.06 1.46
N VAL B 72 5.31 -35.29 2.39
CA VAL B 72 6.75 -35.24 2.61
C VAL B 72 7.24 -36.61 3.05
N GLY B 73 6.64 -37.13 4.12
CA GLY B 73 7.04 -38.44 4.62
C GLY B 73 7.03 -39.51 3.55
N VAL B 74 6.11 -39.41 2.59
CA VAL B 74 6.04 -40.39 1.51
C VAL B 74 7.12 -40.13 0.47
N ASN B 75 7.11 -38.95 -0.14
CA ASN B 75 7.99 -38.69 -1.27
C ASN B 75 9.44 -38.49 -0.83
N LEU B 76 9.68 -37.48 0.00
CA LEU B 76 11.04 -37.19 0.44
C LEU B 76 11.67 -38.41 1.08
N GLU B 77 12.82 -38.83 0.54
CA GLU B 77 13.54 -39.97 1.08
C GLU B 77 14.57 -39.57 2.12
N ASP B 78 15.23 -38.43 1.94
CA ASP B 78 16.22 -37.95 2.88
C ASP B 78 15.61 -37.87 4.27
N PRO B 79 15.97 -38.77 5.19
CA PRO B 79 15.35 -38.73 6.53
C PRO B 79 15.63 -37.43 7.28
N ALA B 80 16.85 -36.89 7.14
CA ALA B 80 17.19 -35.67 7.84
C ALA B 80 16.25 -34.54 7.45
N SER B 81 16.13 -34.28 6.14
CA SER B 81 15.27 -33.18 5.69
C SER B 81 13.80 -33.48 5.95
N ARG B 82 13.39 -34.73 5.78
CA ARG B 82 12.02 -35.12 6.09
C ARG B 82 11.67 -34.76 7.54
N ASP B 83 12.49 -35.23 8.48
CA ASP B 83 12.23 -34.95 9.89
C ASP B 83 12.32 -33.46 10.18
N LEU B 84 13.28 -32.76 9.57
CA LEU B 84 13.39 -31.33 9.78
C LEU B 84 12.11 -30.62 9.39
N VAL B 85 11.59 -30.93 8.20
CA VAL B 85 10.39 -30.26 7.71
C VAL B 85 9.20 -30.60 8.59
N VAL B 86 9.03 -31.87 8.94
CA VAL B 86 7.89 -32.26 9.75
C VAL B 86 7.95 -31.58 11.12
N SER B 87 9.13 -31.55 11.73
CA SER B 87 9.27 -30.95 13.05
C SER B 87 9.05 -29.45 13.00
N TYR B 88 9.60 -28.78 11.99
CA TYR B 88 9.32 -27.36 11.83
C TYR B 88 7.82 -27.13 11.71
N VAL B 89 7.17 -27.82 10.78
CA VAL B 89 5.73 -27.66 10.61
C VAL B 89 5.05 -27.76 11.96
N ASN B 90 5.18 -28.92 12.60
CA ASN B 90 4.46 -29.15 13.85
C ASN B 90 4.81 -28.05 14.85
N THR B 91 6.04 -28.01 15.34
CA THR B 91 6.37 -27.08 16.41
C THR B 91 6.01 -25.65 16.04
N ASN B 92 6.70 -25.09 15.03
CA ASN B 92 6.55 -23.68 14.74
C ASN B 92 5.12 -23.34 14.33
N MET B 93 4.63 -23.95 13.24
CA MET B 93 3.33 -23.53 12.73
C MET B 93 2.22 -23.85 13.72
N GLY B 94 2.27 -25.01 14.36
CA GLY B 94 1.29 -25.33 15.38
C GLY B 94 1.33 -24.44 16.59
N LEU B 95 2.45 -23.76 16.84
CA LEU B 95 2.44 -22.76 17.90
C LEU B 95 1.45 -21.65 17.58
N LYS B 96 1.55 -21.06 16.40
CA LYS B 96 0.61 -20.03 15.99
C LYS B 96 -0.80 -20.60 15.86
N PHE B 97 -0.92 -21.83 15.37
CA PHE B 97 -2.22 -22.47 15.26
C PHE B 97 -2.86 -22.64 16.63
N ARG B 98 -2.05 -22.97 17.64
CA ARG B 98 -2.54 -23.08 19.00
C ARG B 98 -3.00 -21.72 19.52
N GLN B 99 -2.20 -20.69 19.31
CA GLN B 99 -2.61 -19.35 19.69
C GLN B 99 -3.99 -19.02 19.11
N LEU B 100 -4.16 -19.26 17.81
CA LEU B 100 -5.39 -18.88 17.13
C LEU B 100 -6.57 -19.72 17.60
N LEU B 101 -6.41 -21.04 17.62
CA LEU B 101 -7.47 -21.92 18.09
C LEU B 101 -7.87 -21.57 19.51
N TRP B 102 -6.90 -21.37 20.39
CA TRP B 102 -7.19 -20.97 21.76
C TRP B 102 -8.00 -19.69 21.78
N PHE B 103 -7.52 -18.64 21.10
CA PHE B 103 -8.24 -17.37 21.12
C PHE B 103 -9.69 -17.56 20.71
N HIS B 104 -9.91 -18.25 19.59
CA HIS B 104 -11.26 -18.31 19.05
C HIS B 104 -12.17 -19.22 19.85
N ILE B 105 -11.69 -20.40 20.25
CA ILE B 105 -12.47 -21.30 21.07
C ILE B 105 -12.82 -20.63 22.40
N SER B 106 -11.83 -20.04 23.06
CA SER B 106 -12.06 -19.37 24.33
C SER B 106 -13.06 -18.23 24.18
N CYS B 107 -12.96 -17.47 23.09
CA CYS B 107 -13.91 -16.38 22.89
C CYS B 107 -15.31 -16.93 22.70
N LEU B 108 -15.49 -17.85 21.76
CA LEU B 108 -16.79 -18.48 21.55
C LEU B 108 -17.37 -19.00 22.85
N THR B 109 -16.53 -19.55 23.72
CA THR B 109 -17.02 -20.22 24.92
C THR B 109 -17.36 -19.25 26.04
N PHE B 110 -16.52 -18.22 26.24
CA PHE B 110 -16.63 -17.35 27.39
C PHE B 110 -17.03 -15.92 27.06
N GLY B 111 -16.46 -15.33 26.02
CA GLY B 111 -16.68 -13.93 25.73
C GLY B 111 -15.40 -13.21 25.36
N ARG B 112 -15.49 -12.32 24.37
CA ARG B 112 -14.36 -11.47 24.03
C ARG B 112 -13.89 -10.66 25.24
N GLU B 113 -14.85 -10.10 25.99
CA GLU B 113 -14.51 -9.34 27.18
C GLU B 113 -13.77 -10.22 28.19
N THR B 114 -14.32 -11.41 28.45
CA THR B 114 -13.69 -12.31 29.40
C THR B 114 -12.29 -12.68 28.96
N VAL B 115 -12.08 -12.89 27.66
CA VAL B 115 -10.77 -13.33 27.19
C VAL B 115 -9.76 -12.21 27.27
N ILE B 116 -10.18 -10.97 26.99
CA ILE B 116 -9.25 -9.85 27.09
C ILE B 116 -8.90 -9.58 28.55
N GLU B 117 -9.90 -9.60 29.44
CA GLU B 117 -9.62 -9.48 30.86
C GLU B 117 -8.70 -10.60 31.33
N TYR B 118 -8.89 -11.81 30.80
CA TYR B 118 -8.00 -12.91 31.15
C TYR B 118 -6.58 -12.64 30.68
N LEU B 119 -6.44 -12.05 29.50
CA LEU B 119 -5.10 -11.74 29.00
C LEU B 119 -4.39 -10.73 29.90
N VAL B 120 -5.10 -9.66 30.29
CA VAL B 120 -4.46 -8.67 31.14
C VAL B 120 -4.16 -9.25 32.52
N SER B 121 -5.07 -10.07 33.05
CA SER B 121 -4.84 -10.67 34.37
C SER B 121 -3.67 -11.65 34.34
N PHE B 122 -3.56 -12.45 33.27
CA PHE B 122 -2.43 -13.35 33.14
C PHE B 122 -1.14 -12.57 32.95
N GLY B 123 -1.19 -11.41 32.30
CA GLY B 123 -0.02 -10.56 32.24
C GLY B 123 0.41 -10.10 33.62
N VAL B 124 -0.55 -9.61 34.41
CA VAL B 124 -0.26 -9.25 35.80
C VAL B 124 0.41 -10.42 36.52
N TRP B 125 -0.20 -11.61 36.41
CA TRP B 125 0.31 -12.78 37.12
C TRP B 125 1.74 -13.11 36.70
N ILE B 126 1.98 -13.18 35.39
CA ILE B 126 3.28 -13.63 34.90
C ILE B 126 4.35 -12.56 35.08
N ARG B 127 3.97 -11.29 35.23
CA ARG B 127 4.94 -10.26 35.55
C ARG B 127 5.24 -10.20 37.04
N THR B 128 4.28 -10.58 37.88
CA THR B 128 4.49 -10.59 39.31
C THR B 128 5.67 -11.50 39.66
N PRO B 129 6.65 -11.03 40.42
CA PRO B 129 7.75 -11.91 40.81
C PRO B 129 7.23 -13.13 41.53
N PRO B 130 7.99 -14.23 41.53
CA PRO B 130 7.47 -15.48 42.10
C PRO B 130 7.25 -15.41 43.59
N ALA B 131 8.06 -14.63 44.32
CA ALA B 131 7.88 -14.52 45.77
C ALA B 131 6.50 -14.00 46.13
N TYR B 132 5.82 -13.33 45.20
CA TYR B 132 4.48 -12.82 45.42
C TYR B 132 3.52 -13.29 44.32
N ARG B 133 3.95 -14.21 43.47
CA ARG B 133 3.09 -14.75 42.42
C ARG B 133 2.30 -15.91 42.98
N PRO B 134 0.98 -15.81 43.14
CA PRO B 134 0.23 -16.95 43.64
C PRO B 134 0.40 -18.15 42.73
N PRO B 135 0.26 -19.36 43.26
CA PRO B 135 0.43 -20.55 42.42
C PRO B 135 -0.79 -20.81 41.56
N ASN B 136 -1.96 -20.41 42.05
CA ASN B 136 -3.21 -20.61 41.33
C ASN B 136 -3.30 -19.58 40.22
N ALA B 137 -2.64 -19.91 39.10
CA ALA B 137 -2.67 -19.06 37.93
C ALA B 137 -4.10 -18.79 37.51
N PRO B 138 -4.37 -17.71 36.78
CA PRO B 138 -5.73 -17.47 36.32
C PRO B 138 -6.17 -18.54 35.34
N ILE B 139 -7.48 -18.74 35.26
CA ILE B 139 -8.03 -19.80 34.44
C ILE B 139 -9.46 -19.41 34.07
N LEU B 140 -9.83 -19.71 32.83
CA LEU B 140 -11.15 -19.39 32.33
C LEU B 140 -12.15 -20.43 32.82
N SER B 141 -13.30 -19.97 33.31
CA SER B 141 -14.32 -20.86 33.83
C SER B 141 -15.69 -20.23 33.63
N THR B 142 -16.70 -21.09 33.48
CA THR B 142 -18.08 -20.65 33.37
C THR B 142 -18.78 -20.62 34.72
N LEU B 143 -18.36 -21.48 35.65
CA LEU B 143 -18.95 -21.53 36.98
C LEU B 143 -18.88 -20.17 37.67
N MET C 1 7.77 14.71 5.49
CA MET C 1 6.98 13.75 6.32
C MET C 1 6.33 12.71 5.42
N ASP C 2 5.42 11.93 6.00
CA ASP C 2 4.72 10.87 5.27
C ASP C 2 3.54 11.49 4.51
N ILE C 3 3.85 12.05 3.34
CA ILE C 3 2.86 12.70 2.50
C ILE C 3 2.68 11.87 1.24
N ASP C 4 1.43 11.67 0.85
CA ASP C 4 1.08 10.97 -0.37
C ASP C 4 0.50 11.97 -1.37
N THR C 5 1.03 11.94 -2.59
CA THR C 5 0.62 12.93 -3.59
C THR C 5 -0.84 12.77 -3.99
N TYR C 6 -1.47 11.66 -3.68
CA TYR C 6 -2.75 11.30 -4.25
C TYR C 6 -3.89 11.18 -3.25
N LYS C 7 -3.61 10.96 -1.97
CA LYS C 7 -4.68 10.64 -1.04
C LYS C 7 -5.64 11.80 -0.80
N GLU C 8 -5.26 13.02 -1.19
CA GLU C 8 -6.22 14.13 -1.19
C GLU C 8 -7.10 14.11 -2.42
N PHE C 9 -6.74 13.35 -3.44
CA PHE C 9 -7.56 13.18 -4.63
C PHE C 9 -8.32 11.86 -4.66
N GLY C 10 -7.93 10.91 -3.81
CA GLY C 10 -8.67 9.67 -3.67
C GLY C 10 -8.00 8.48 -4.33
N ALA C 11 -6.67 8.47 -4.32
CA ALA C 11 -5.91 7.39 -4.92
C ALA C 11 -4.72 7.09 -4.02
N THR C 12 -3.78 6.30 -4.53
CA THR C 12 -2.66 5.85 -3.75
C THR C 12 -1.54 5.39 -4.69
N VAL C 13 -0.31 5.53 -4.21
CA VAL C 13 0.83 4.98 -4.94
C VAL C 13 0.63 3.49 -5.18
N GLU C 14 -0.01 2.80 -4.25
CA GLU C 14 -0.32 1.39 -4.45
C GLU C 14 -1.31 1.20 -5.58
N LEU C 15 -2.29 2.11 -5.70
CA LEU C 15 -3.29 2.00 -6.74
C LEU C 15 -2.76 2.41 -8.11
N LEU C 16 -1.68 3.19 -8.15
CA LEU C 16 -1.08 3.57 -9.42
C LEU C 16 0.08 2.67 -9.84
N SER C 17 0.69 1.97 -8.90
CA SER C 17 1.57 0.86 -9.24
C SER C 17 0.78 -0.39 -9.61
N PHE C 18 -0.54 -0.35 -9.44
CA PHE C 18 -1.40 -1.44 -9.84
C PHE C 18 -1.42 -1.62 -11.35
N LEU C 19 -1.05 -0.59 -12.09
CA LEU C 19 -0.84 -0.61 -13.53
C LEU C 19 0.63 -0.79 -13.86
N PRO C 20 0.96 -1.36 -15.01
CA PRO C 20 2.38 -1.48 -15.38
C PRO C 20 3.02 -0.12 -15.58
N SER C 21 4.36 -0.12 -15.53
CA SER C 21 5.10 1.11 -15.76
C SER C 21 5.23 1.42 -17.25
N ASP C 22 5.18 0.39 -18.08
CA ASP C 22 5.21 0.55 -19.54
C ASP C 22 3.88 1.01 -20.10
N PHE C 23 2.91 1.33 -19.24
CA PHE C 23 1.60 1.79 -19.67
C PHE C 23 1.50 3.29 -19.77
N PHE C 24 2.31 4.02 -19.05
CA PHE C 24 2.12 5.45 -18.93
C PHE C 24 2.80 6.16 -20.08
N PRO C 25 2.14 7.13 -20.72
CA PRO C 25 2.75 7.78 -21.88
C PRO C 25 3.99 8.57 -21.51
N SER C 26 4.72 8.99 -22.54
CA SER C 26 5.96 9.71 -22.35
C SER C 26 5.69 11.09 -21.76
N VAL C 27 6.73 11.64 -21.12
CA VAL C 27 6.60 12.95 -20.49
C VAL C 27 6.30 14.00 -21.53
N ARG C 28 6.91 13.88 -22.71
CA ARG C 28 6.67 14.87 -23.77
C ARG C 28 5.22 14.81 -24.25
N ASP C 29 4.71 13.60 -24.49
CA ASP C 29 3.32 13.45 -24.88
C ASP C 29 2.39 14.05 -23.83
N LEU C 30 2.65 13.79 -22.56
CA LEU C 30 1.76 14.29 -21.52
C LEU C 30 1.87 15.80 -21.35
N LEU C 31 3.06 16.37 -21.52
CA LEU C 31 3.20 17.81 -21.45
C LEU C 31 2.53 18.48 -22.63
N ASP C 32 2.65 17.90 -23.83
CA ASP C 32 1.93 18.43 -24.98
C ASP C 32 0.42 18.41 -24.74
N THR C 33 -0.09 17.29 -24.24
CA THR C 33 -1.51 17.20 -23.91
C THR C 33 -1.90 18.28 -22.90
N ALA C 34 -1.10 18.42 -21.84
CA ALA C 34 -1.41 19.40 -20.80
C ALA C 34 -1.46 20.80 -21.40
N SER C 35 -0.46 21.16 -22.19
CA SER C 35 -0.47 22.46 -22.84
C SER C 35 -1.75 22.61 -23.64
N ALA C 36 -1.89 21.78 -24.67
CA ALA C 36 -3.02 21.84 -25.58
C ALA C 36 -4.36 22.02 -24.88
N LEU C 37 -4.57 21.30 -23.78
CA LEU C 37 -5.89 21.25 -23.17
C LEU C 37 -6.10 22.25 -22.04
N TYR C 38 -5.05 22.64 -21.32
CA TYR C 38 -5.25 23.43 -20.10
C TYR C 38 -4.18 24.50 -19.93
N ARG C 39 -3.59 25.00 -21.02
CA ARG C 39 -2.59 26.04 -20.86
C ARG C 39 -3.19 27.31 -20.27
N GLU C 40 -4.34 27.74 -20.81
CA GLU C 40 -4.97 28.96 -20.33
C GLU C 40 -5.36 28.87 -18.86
N ALA C 41 -5.63 27.67 -18.36
CA ALA C 41 -6.03 27.51 -16.97
C ALA C 41 -4.85 27.30 -16.03
N LEU C 42 -3.77 26.70 -16.53
CA LEU C 42 -2.57 26.56 -15.71
C LEU C 42 -1.83 27.88 -15.58
N GLU C 43 -1.84 28.68 -16.64
CA GLU C 43 -1.27 30.02 -16.58
C GLU C 43 -2.23 31.05 -16.00
N SER C 44 -3.40 30.62 -15.54
CA SER C 44 -4.39 31.53 -14.99
C SER C 44 -4.08 31.86 -13.53
N PRO C 45 -4.47 33.04 -13.06
CA PRO C 45 -4.30 33.39 -11.64
C PRO C 45 -5.49 32.99 -10.78
N GLU C 46 -5.77 31.69 -10.74
CA GLU C 46 -6.94 31.18 -10.04
C GLU C 46 -6.66 29.77 -9.53
N HIS C 47 -7.23 29.46 -8.36
CA HIS C 47 -7.28 28.08 -7.90
C HIS C 47 -8.40 27.36 -8.64
N CYS C 48 -8.18 27.17 -9.94
CA CYS C 48 -9.20 26.54 -10.77
C CYS C 48 -9.54 25.16 -10.24
N SER C 49 -8.54 24.43 -9.73
CA SER C 49 -8.78 23.14 -9.13
C SER C 49 -7.50 22.62 -8.47
N PRO C 50 -7.62 21.77 -7.46
CA PRO C 50 -6.42 21.13 -6.90
C PRO C 50 -5.63 20.39 -7.94
N HIS C 51 -6.30 19.84 -8.95
CA HIS C 51 -5.58 19.21 -10.05
C HIS C 51 -4.70 20.22 -10.77
N HIS C 52 -5.24 21.41 -11.02
CA HIS C 52 -4.45 22.45 -11.67
C HIS C 52 -3.26 22.85 -10.80
N THR C 53 -3.47 23.02 -9.49
CA THR C 53 -2.38 23.37 -8.60
C THR C 53 -1.28 22.32 -8.63
N ALA C 54 -1.65 21.06 -8.43
CA ALA C 54 -0.67 19.98 -8.41
C ALA C 54 0.05 19.86 -9.74
N LEU C 55 -0.67 20.07 -10.84
CA LEU C 55 -0.06 19.95 -12.15
C LEU C 55 0.93 21.09 -12.40
N ARG C 56 0.59 22.30 -11.96
CA ARG C 56 1.53 23.41 -12.02
C ARG C 56 2.81 23.07 -11.26
N GLN C 57 2.67 22.62 -10.02
CA GLN C 57 3.84 22.32 -9.21
C GLN C 57 4.68 21.22 -9.84
N ALA C 58 4.03 20.18 -10.37
CA ALA C 58 4.76 19.09 -11.00
C ALA C 58 5.51 19.56 -12.23
N ILE C 59 4.87 20.38 -13.06
CA ILE C 59 5.53 20.89 -14.25
C ILE C 59 6.74 21.74 -13.87
N LEU C 60 6.60 22.54 -12.82
CA LEU C 60 7.72 23.36 -12.37
C LEU C 60 8.86 22.50 -11.86
N CYS C 61 8.55 21.44 -11.11
CA CYS C 61 9.59 20.53 -10.64
C CYS C 61 10.30 19.85 -11.80
N TRP C 62 9.55 19.42 -12.81
CA TRP C 62 10.17 18.79 -13.96
C TRP C 62 11.05 19.77 -14.73
N GLY C 63 10.60 21.03 -14.82
CA GLY C 63 11.44 22.04 -15.43
C GLY C 63 12.73 22.26 -14.67
N GLU C 64 12.67 22.26 -13.34
CA GLU C 64 13.87 22.40 -12.55
C GLU C 64 14.79 21.19 -12.72
N LEU C 65 14.22 20.00 -12.84
CA LEU C 65 15.03 18.81 -13.06
C LEU C 65 15.71 18.85 -14.42
N MET C 66 15.01 19.35 -15.44
CA MET C 66 15.62 19.48 -16.76
C MET C 66 16.71 20.54 -16.74
N THR C 67 16.50 21.63 -16.01
CA THR C 67 17.56 22.61 -15.81
C THR C 67 18.78 21.96 -15.16
N LEU C 68 18.55 21.13 -14.14
CA LEU C 68 19.64 20.40 -13.51
C LEU C 68 20.36 19.51 -14.51
N ALA C 69 19.61 18.84 -15.38
CA ALA C 69 20.22 17.94 -16.36
C ALA C 69 21.10 18.72 -17.33
N THR C 70 20.62 19.86 -17.82
CA THR C 70 21.43 20.69 -18.71
C THR C 70 22.66 21.23 -17.98
N TRP C 71 22.48 21.67 -16.74
CA TRP C 71 23.60 22.16 -15.94
C TRP C 71 24.65 21.08 -15.78
N VAL C 72 24.22 19.85 -15.52
CA VAL C 72 25.16 18.73 -15.43
C VAL C 72 25.88 18.55 -16.76
N GLY C 73 25.12 18.48 -17.84
CA GLY C 73 25.72 18.29 -19.15
C GLY C 73 26.79 19.32 -19.46
N VAL C 74 26.58 20.56 -19.04
CA VAL C 74 27.52 21.62 -19.39
C VAL C 74 28.69 21.72 -18.39
N ASN C 75 28.46 21.40 -17.12
CA ASN C 75 29.50 21.57 -16.10
C ASN C 75 30.28 20.28 -15.88
N LEU C 76 29.59 19.20 -15.49
CA LEU C 76 30.28 17.94 -15.24
C LEU C 76 30.96 17.46 -16.51
N GLU C 77 32.21 17.04 -16.36
CA GLU C 77 33.02 16.60 -17.50
C GLU C 77 33.04 15.09 -17.65
N ASP C 78 33.07 14.34 -16.55
CA ASP C 78 33.06 12.89 -16.63
C ASP C 78 31.80 12.43 -17.37
N PRO C 79 31.94 11.92 -18.59
CA PRO C 79 30.74 11.46 -19.31
C PRO C 79 30.01 10.34 -18.59
N ALA C 80 30.73 9.45 -17.91
CA ALA C 80 30.08 8.37 -17.17
C ALA C 80 29.09 8.95 -16.16
N SER C 81 29.60 9.76 -15.23
CA SER C 81 28.74 10.35 -14.20
C SER C 81 27.64 11.21 -14.82
N ARG C 82 27.98 11.99 -15.85
CA ARG C 82 27.00 12.85 -16.48
C ARG C 82 25.82 12.03 -17.02
N ASP C 83 26.12 11.06 -17.87
CA ASP C 83 25.06 10.24 -18.47
C ASP C 83 24.32 9.45 -17.40
N LEU C 84 25.02 8.99 -16.36
CA LEU C 84 24.36 8.23 -15.31
C LEU C 84 23.35 9.09 -14.57
N VAL C 85 23.73 10.33 -14.24
CA VAL C 85 22.81 11.23 -13.55
C VAL C 85 21.61 11.55 -14.45
N VAL C 86 21.86 11.86 -15.71
CA VAL C 86 20.77 12.21 -16.61
C VAL C 86 19.82 11.03 -16.79
N SER C 87 20.37 9.82 -16.91
CA SER C 87 19.53 8.64 -17.06
C SER C 87 18.72 8.37 -15.79
N TYR C 88 19.35 8.47 -14.62
CA TYR C 88 18.60 8.35 -13.39
C TYR C 88 17.42 9.31 -13.39
N VAL C 89 17.71 10.59 -13.62
CA VAL C 89 16.66 11.60 -13.61
C VAL C 89 15.56 11.16 -14.55
N ASN C 90 15.89 11.06 -15.84
CA ASN C 90 14.87 10.75 -16.83
C ASN C 90 14.06 9.54 -16.41
N THR C 91 14.69 8.36 -16.36
CA THR C 91 13.94 7.14 -16.10
C THR C 91 13.13 7.24 -14.81
N ASN C 92 13.83 7.34 -13.68
CA ASN C 92 13.17 7.15 -12.40
C ASN C 92 12.25 8.31 -12.06
N MET C 93 12.73 9.55 -12.15
CA MET C 93 11.87 10.68 -11.82
C MET C 93 10.74 10.83 -12.81
N GLY C 94 10.96 10.48 -14.08
CA GLY C 94 9.92 10.64 -15.07
C GLY C 94 8.84 9.58 -14.97
N LEU C 95 9.18 8.39 -14.47
CA LEU C 95 8.13 7.43 -14.18
C LEU C 95 7.10 8.04 -13.24
N LYS C 96 7.55 8.57 -12.09
CA LYS C 96 6.63 9.21 -11.16
C LYS C 96 5.97 10.43 -11.79
N PHE C 97 6.74 11.23 -12.52
CA PHE C 97 6.20 12.46 -13.09
C PHE C 97 5.07 12.15 -14.07
N ARG C 98 5.24 11.12 -14.88
CA ARG C 98 4.22 10.80 -15.88
C ARG C 98 3.07 10.02 -15.29
N GLN C 99 3.30 9.23 -14.23
CA GLN C 99 2.17 8.71 -13.47
C GLN C 99 1.31 9.85 -12.95
N LEU C 100 1.94 10.89 -12.40
CA LEU C 100 1.19 12.00 -11.82
C LEU C 100 0.48 12.82 -12.90
N LEU C 101 1.20 13.11 -13.99
CA LEU C 101 0.60 13.84 -15.09
C LEU C 101 -0.57 13.08 -15.70
N TRP C 102 -0.39 11.78 -15.94
CA TRP C 102 -1.50 10.94 -16.39
C TRP C 102 -2.68 11.04 -15.44
N PHE C 103 -2.45 10.81 -14.15
CA PHE C 103 -3.54 10.86 -13.19
C PHE C 103 -4.30 12.17 -13.29
N HIS C 104 -3.58 13.29 -13.26
CA HIS C 104 -4.25 14.57 -13.15
C HIS C 104 -4.92 15.00 -14.46
N ILE C 105 -4.23 14.82 -15.59
CA ILE C 105 -4.84 15.10 -16.88
C ILE C 105 -6.08 14.24 -17.08
N SER C 106 -5.94 12.92 -16.90
CA SER C 106 -7.07 12.03 -17.08
C SER C 106 -8.21 12.37 -16.15
N CYS C 107 -7.91 12.81 -14.93
CA CYS C 107 -8.97 13.19 -14.02
C CYS C 107 -9.69 14.43 -14.52
N LEU C 108 -8.94 15.52 -14.75
CA LEU C 108 -9.53 16.72 -15.32
C LEU C 108 -10.38 16.42 -16.54
N THR C 109 -9.99 15.41 -17.32
CA THR C 109 -10.66 15.14 -18.59
C THR C 109 -11.91 14.30 -18.41
N PHE C 110 -11.83 13.22 -17.64
CA PHE C 110 -12.90 12.24 -17.53
C PHE C 110 -13.62 12.25 -16.19
N GLY C 111 -12.90 12.36 -15.09
CA GLY C 111 -13.49 12.22 -13.78
C GLY C 111 -12.62 11.40 -12.83
N ARG C 112 -12.58 11.80 -11.56
CA ARG C 112 -11.88 11.03 -10.56
C ARG C 112 -12.44 9.61 -10.47
N GLU C 113 -13.77 9.50 -10.44
CA GLU C 113 -14.42 8.19 -10.42
C GLU C 113 -13.98 7.36 -11.62
N THR C 114 -14.09 7.93 -12.81
CA THR C 114 -13.74 7.20 -14.01
C THR C 114 -12.29 6.74 -14.00
N VAL C 115 -11.38 7.60 -13.54
CA VAL C 115 -9.97 7.26 -13.58
C VAL C 115 -9.64 6.18 -12.55
N ILE C 116 -10.26 6.24 -11.37
CA ILE C 116 -9.99 5.21 -10.37
C ILE C 116 -10.56 3.87 -10.80
N GLU C 117 -11.80 3.86 -11.31
CA GLU C 117 -12.36 2.63 -11.84
C GLU C 117 -11.54 2.11 -13.00
N TYR C 118 -10.98 3.00 -13.82
CA TYR C 118 -10.12 2.56 -14.91
C TYR C 118 -8.86 1.89 -14.38
N LEU C 119 -8.24 2.48 -13.36
CA LEU C 119 -7.07 1.84 -12.74
C LEU C 119 -7.42 0.43 -12.27
N VAL C 120 -8.49 0.31 -11.49
CA VAL C 120 -8.88 -0.99 -10.96
C VAL C 120 -9.13 -1.97 -12.10
N SER C 121 -9.97 -1.59 -13.06
CA SER C 121 -10.36 -2.49 -14.13
C SER C 121 -9.17 -2.90 -14.99
N PHE C 122 -8.28 -1.96 -15.31
CA PHE C 122 -7.14 -2.28 -16.16
C PHE C 122 -6.16 -3.18 -15.43
N GLY C 123 -5.96 -2.98 -14.12
CA GLY C 123 -5.11 -3.89 -13.38
C GLY C 123 -5.68 -5.30 -13.34
N VAL C 124 -6.97 -5.41 -13.00
CA VAL C 124 -7.62 -6.71 -12.99
C VAL C 124 -7.54 -7.35 -14.37
N TRP C 125 -7.69 -6.55 -15.42
CA TRP C 125 -7.64 -7.08 -16.78
C TRP C 125 -6.26 -7.63 -17.11
N ILE C 126 -5.21 -6.82 -16.91
CA ILE C 126 -3.87 -7.26 -17.26
C ILE C 126 -3.41 -8.39 -16.36
N ARG C 127 -4.07 -8.61 -15.23
CA ARG C 127 -3.75 -9.76 -14.39
C ARG C 127 -4.58 -10.99 -14.75
N THR C 128 -5.77 -10.80 -15.29
CA THR C 128 -6.61 -11.91 -15.69
C THR C 128 -6.01 -12.64 -16.90
N PRO C 129 -6.26 -13.95 -17.03
CA PRO C 129 -5.77 -14.66 -18.21
C PRO C 129 -6.50 -14.21 -19.47
N PRO C 130 -5.84 -14.28 -20.63
CA PRO C 130 -6.50 -13.83 -21.86
C PRO C 130 -7.75 -14.62 -22.20
N ALA C 131 -7.68 -15.95 -22.10
CA ALA C 131 -8.81 -16.79 -22.49
C ALA C 131 -10.07 -16.47 -21.71
N TYR C 132 -9.96 -15.76 -20.59
CA TYR C 132 -11.10 -15.49 -19.73
C TYR C 132 -11.29 -14.01 -19.43
N ARG C 133 -10.50 -13.14 -20.05
CA ARG C 133 -10.78 -11.71 -20.04
C ARG C 133 -11.23 -11.25 -21.42
N PRO C 134 -11.86 -10.09 -21.51
CA PRO C 134 -12.10 -9.50 -22.82
C PRO C 134 -10.79 -9.28 -23.55
N PRO C 135 -10.79 -9.39 -24.88
CA PRO C 135 -9.52 -9.38 -25.61
C PRO C 135 -8.94 -7.99 -25.82
N ASN C 136 -9.77 -6.95 -25.81
CA ASN C 136 -9.32 -5.59 -26.06
C ASN C 136 -8.99 -4.91 -24.73
N ALA C 137 -7.84 -4.26 -24.66
CA ALA C 137 -7.45 -3.55 -23.47
C ALA C 137 -8.38 -2.35 -23.24
N PRO C 138 -8.70 -2.03 -21.98
CA PRO C 138 -9.53 -0.86 -21.71
C PRO C 138 -8.83 0.43 -22.12
N ILE C 139 -9.64 1.46 -22.33
CA ILE C 139 -9.14 2.75 -22.77
C ILE C 139 -10.19 3.80 -22.44
N LEU C 140 -9.72 4.98 -22.05
CA LEU C 140 -10.59 6.10 -21.76
C LEU C 140 -10.93 6.85 -23.04
N SER C 141 -12.17 7.34 -23.13
CA SER C 141 -12.62 8.00 -24.34
C SER C 141 -13.73 8.99 -24.00
N THR C 142 -13.61 10.20 -24.53
CA THR C 142 -14.65 11.20 -24.43
C THR C 142 -15.67 11.08 -25.55
N LEU C 143 -15.34 10.37 -26.60
CA LEU C 143 -16.26 10.20 -27.73
C LEU C 143 -17.48 9.41 -27.28
N MET D 1 6.07 25.42 -19.98
CA MET D 1 5.19 26.60 -20.15
C MET D 1 5.62 27.70 -19.19
N ASP D 2 4.92 28.84 -19.26
CA ASP D 2 5.21 29.99 -18.42
C ASP D 2 4.20 30.01 -17.27
N ILE D 3 4.52 29.26 -16.22
CA ILE D 3 3.69 29.19 -15.03
C ILE D 3 4.43 29.87 -13.90
N ASP D 4 3.70 30.65 -13.11
CA ASP D 4 4.24 31.32 -11.94
C ASP D 4 3.71 30.63 -10.69
N THR D 5 4.62 30.28 -9.78
CA THR D 5 4.25 29.53 -8.59
C THR D 5 3.32 30.29 -7.66
N TYR D 6 3.16 31.60 -7.85
CA TYR D 6 2.53 32.45 -6.85
C TYR D 6 1.32 33.24 -7.35
N LYS D 7 1.19 33.44 -8.66
CA LYS D 7 0.07 34.24 -9.15
C LYS D 7 -1.27 33.54 -8.91
N GLU D 8 -1.26 32.22 -8.75
CA GLU D 8 -2.47 31.51 -8.35
C GLU D 8 -2.94 31.98 -6.97
N PHE D 9 -2.02 32.47 -6.15
CA PHE D 9 -2.34 32.88 -4.79
C PHE D 9 -2.43 34.39 -4.63
N GLY D 10 -1.79 35.15 -5.51
CA GLY D 10 -1.92 36.59 -5.49
C GLY D 10 -0.60 37.32 -5.36
N ALA D 11 0.48 36.68 -5.77
CA ALA D 11 1.81 37.27 -5.72
C ALA D 11 2.52 36.97 -7.04
N THR D 12 3.81 37.26 -7.09
CA THR D 12 4.62 37.05 -8.27
C THR D 12 6.06 36.85 -7.85
N VAL D 13 6.88 36.37 -8.78
CA VAL D 13 8.30 36.23 -8.53
C VAL D 13 8.96 37.61 -8.46
N GLU D 14 8.28 38.64 -8.91
CA GLU D 14 8.81 40.00 -8.80
C GLU D 14 8.50 40.61 -7.45
N LEU D 15 7.29 40.38 -6.93
CA LEU D 15 6.93 40.86 -5.61
C LEU D 15 7.77 40.20 -4.52
N LEU D 16 8.22 38.98 -4.76
CA LEU D 16 9.07 38.27 -3.81
C LEU D 16 10.55 38.57 -4.02
N SER D 17 10.91 39.25 -5.11
CA SER D 17 12.28 39.69 -5.30
C SER D 17 12.62 40.92 -4.48
N PHE D 18 11.62 41.52 -3.81
CA PHE D 18 11.91 42.57 -2.85
C PHE D 18 12.73 42.03 -1.70
N LEU D 19 12.46 40.80 -1.31
CA LEU D 19 13.25 40.13 -0.28
C LEU D 19 14.54 39.61 -0.90
N PRO D 20 15.70 39.86 -0.29
CA PRO D 20 16.94 39.29 -0.82
C PRO D 20 16.96 37.77 -0.70
N SER D 21 18.00 37.14 -1.23
CA SER D 21 18.18 35.71 -1.07
C SER D 21 18.74 35.38 0.30
N ASP D 22 19.55 36.26 0.87
CA ASP D 22 20.05 36.09 2.23
C ASP D 22 18.95 36.12 3.27
N PHE D 23 17.73 36.49 2.89
CA PHE D 23 16.64 36.66 3.83
C PHE D 23 15.98 35.36 4.24
N PHE D 24 16.11 34.31 3.43
CA PHE D 24 15.22 33.18 3.65
C PHE D 24 15.86 32.17 4.59
N PRO D 25 15.08 31.59 5.53
CA PRO D 25 15.67 30.66 6.49
C PRO D 25 16.14 29.38 5.85
N SER D 26 16.65 28.46 6.65
CA SER D 26 17.12 27.19 6.12
C SER D 26 15.94 26.28 5.78
N VAL D 27 16.19 25.37 4.84
CA VAL D 27 15.18 24.36 4.51
C VAL D 27 14.85 23.54 5.75
N ARG D 28 15.86 23.23 6.55
CA ARG D 28 15.64 22.53 7.81
C ARG D 28 14.68 23.31 8.70
N ASP D 29 14.95 24.59 8.91
CA ASP D 29 14.10 25.40 9.78
C ASP D 29 12.67 25.47 9.26
N LEU D 30 12.50 25.63 7.95
CA LEU D 30 11.16 25.78 7.40
C LEU D 30 10.39 24.47 7.44
N LEU D 31 11.07 23.36 7.17
CA LEU D 31 10.42 22.06 7.30
C LEU D 31 10.08 21.76 8.75
N ASP D 32 10.90 22.21 9.69
CA ASP D 32 10.56 22.08 11.10
C ASP D 32 9.31 22.89 11.44
N THR D 33 9.25 24.13 10.96
CA THR D 33 8.06 24.95 11.17
C THR D 33 6.82 24.26 10.60
N ALA D 34 6.93 23.67 9.42
CA ALA D 34 5.80 22.97 8.83
C ALA D 34 5.41 21.76 9.66
N SER D 35 6.38 20.90 9.98
CA SER D 35 6.08 19.74 10.81
C SER D 35 5.47 20.14 12.14
N ALA D 36 5.76 21.36 12.60
CA ALA D 36 5.20 21.83 13.86
C ALA D 36 3.76 22.30 13.70
N LEU D 37 3.48 23.06 12.64
CA LEU D 37 2.20 23.77 12.57
C LEU D 37 1.16 23.09 11.70
N TYR D 38 1.56 22.37 10.64
CA TYR D 38 0.60 21.85 9.68
C TYR D 38 0.89 20.41 9.28
N ARG D 39 1.55 19.64 10.16
CA ARG D 39 1.84 18.25 9.83
C ARG D 39 0.57 17.44 9.66
N GLU D 40 -0.34 17.53 10.63
CA GLU D 40 -1.57 16.74 10.59
C GLU D 40 -2.51 17.17 9.47
N ALA D 41 -2.26 18.31 8.84
CA ALA D 41 -3.06 18.76 7.72
C ALA D 41 -2.42 18.48 6.38
N LEU D 42 -1.08 18.42 6.34
CA LEU D 42 -0.40 17.99 5.12
C LEU D 42 -0.44 16.48 4.96
N GLU D 43 -0.52 15.74 6.06
CA GLU D 43 -0.68 14.29 6.03
C GLU D 43 -2.15 13.88 5.96
N SER D 44 -3.05 14.81 5.71
CA SER D 44 -4.48 14.54 5.70
C SER D 44 -4.97 14.27 4.28
N PRO D 45 -6.04 13.48 4.14
CA PRO D 45 -6.65 13.25 2.82
C PRO D 45 -7.74 14.27 2.49
N GLU D 46 -7.36 15.54 2.47
CA GLU D 46 -8.30 16.63 2.28
C GLU D 46 -7.64 17.77 1.53
N HIS D 47 -8.43 18.45 0.68
CA HIS D 47 -8.00 19.68 0.04
C HIS D 47 -8.18 20.82 1.04
N CYS D 48 -7.38 20.78 2.10
CA CYS D 48 -7.51 21.78 3.15
C CYS D 48 -7.26 23.18 2.61
N SER D 49 -6.38 23.31 1.61
CA SER D 49 -6.11 24.60 1.00
C SER D 49 -5.16 24.42 -0.19
N PRO D 50 -5.22 25.33 -1.17
CA PRO D 50 -4.19 25.30 -2.21
C PRO D 50 -2.79 25.41 -1.65
N HIS D 51 -2.63 26.08 -0.52
CA HIS D 51 -1.32 26.16 0.12
C HIS D 51 -0.83 24.78 0.53
N HIS D 52 -1.70 23.98 1.13
CA HIS D 52 -1.34 22.60 1.46
C HIS D 52 -1.06 21.80 0.19
N THR D 53 -1.93 21.95 -0.81
CA THR D 53 -1.76 21.21 -2.05
C THR D 53 -0.40 21.47 -2.68
N ALA D 54 0.07 22.71 -2.61
CA ALA D 54 1.35 23.06 -3.22
C ALA D 54 2.52 22.68 -2.32
N LEU D 55 2.34 22.82 -1.00
CA LEU D 55 3.41 22.50 -0.07
C LEU D 55 3.72 21.02 -0.06
N ARG D 56 2.68 20.18 -0.18
CA ARG D 56 2.89 18.74 -0.31
C ARG D 56 3.75 18.43 -1.53
N GLN D 57 3.38 18.98 -2.68
CA GLN D 57 4.14 18.71 -3.90
C GLN D 57 5.58 19.19 -3.78
N ALA D 58 5.78 20.37 -3.18
CA ALA D 58 7.13 20.89 -3.02
C ALA D 58 7.96 19.99 -2.11
N ILE D 59 7.37 19.53 -1.01
CA ILE D 59 8.08 18.64 -0.09
C ILE D 59 8.43 17.33 -0.79
N LEU D 60 7.55 16.87 -1.67
CA LEU D 60 7.83 15.64 -2.41
C LEU D 60 8.96 15.84 -3.40
N CYS D 61 8.95 16.96 -4.12
CA CYS D 61 10.06 17.30 -4.99
C CYS D 61 11.38 17.32 -4.22
N TRP D 62 11.38 17.94 -3.04
CA TRP D 62 12.60 18.01 -2.24
C TRP D 62 13.03 16.62 -1.78
N GLY D 63 12.08 15.78 -1.38
CA GLY D 63 12.42 14.42 -1.01
C GLY D 63 13.04 13.65 -2.16
N GLU D 64 12.51 13.82 -3.36
CA GLU D 64 13.09 13.15 -4.52
C GLU D 64 14.46 13.69 -4.84
N LEU D 65 14.70 14.98 -4.62
CA LEU D 65 16.03 15.52 -4.86
C LEU D 65 17.03 15.03 -3.83
N MET D 66 16.60 14.87 -2.57
CA MET D 66 17.47 14.28 -1.57
C MET D 66 17.77 12.81 -1.90
N THR D 67 16.76 12.08 -2.37
CA THR D 67 17.00 10.72 -2.85
C THR D 67 18.02 10.72 -3.99
N LEU D 68 17.91 11.67 -4.91
CA LEU D 68 18.89 11.78 -5.98
C LEU D 68 20.29 12.05 -5.42
N ALA D 69 20.38 12.92 -4.41
CA ALA D 69 21.68 13.23 -3.83
C ALA D 69 22.31 12.00 -3.20
N THR D 70 21.51 11.22 -2.47
CA THR D 70 22.04 9.99 -1.87
C THR D 70 22.45 8.98 -2.95
N TRP D 71 21.58 8.78 -3.94
CA TRP D 71 21.89 7.88 -5.03
C TRP D 71 23.18 8.30 -5.72
N VAL D 72 23.41 9.60 -5.86
CA VAL D 72 24.63 10.08 -6.48
C VAL D 72 25.82 9.76 -5.59
N GLY D 73 25.77 10.18 -4.33
CA GLY D 73 26.83 9.85 -3.40
C GLY D 73 27.22 8.39 -3.42
N VAL D 74 26.25 7.51 -3.66
CA VAL D 74 26.53 6.08 -3.68
C VAL D 74 27.12 5.66 -5.03
N ASN D 75 26.36 5.88 -6.11
CA ASN D 75 26.66 5.30 -7.42
C ASN D 75 27.70 6.08 -8.21
N LEU D 76 28.19 7.21 -7.71
CA LEU D 76 29.24 7.96 -8.39
C LEU D 76 30.57 7.77 -7.66
N GLU D 77 31.65 7.84 -8.44
CA GLU D 77 33.00 7.65 -7.91
C GLU D 77 33.91 8.81 -8.28
N ASP D 78 33.35 9.92 -8.74
CA ASP D 78 34.10 11.14 -9.00
C ASP D 78 33.66 12.17 -7.95
N PRO D 79 34.33 12.23 -6.80
CA PRO D 79 33.87 13.16 -5.75
C PRO D 79 33.69 14.58 -6.23
N ALA D 80 34.48 15.02 -7.21
CA ALA D 80 34.29 16.36 -7.74
C ALA D 80 32.88 16.54 -8.29
N SER D 81 32.47 15.65 -9.20
CA SER D 81 31.13 15.75 -9.79
C SER D 81 30.06 15.50 -8.74
N ARG D 82 30.28 14.53 -7.85
CA ARG D 82 29.32 14.27 -6.78
C ARG D 82 29.06 15.52 -5.96
N ASP D 83 30.12 16.18 -5.49
CA ASP D 83 29.97 17.37 -4.68
C ASP D 83 29.38 18.51 -5.50
N LEU D 84 29.76 18.64 -6.77
CA LEU D 84 29.14 19.63 -7.63
C LEU D 84 27.63 19.45 -7.65
N VAL D 85 27.17 18.22 -7.87
CA VAL D 85 25.74 17.96 -7.97
C VAL D 85 25.05 18.28 -6.64
N VAL D 86 25.60 17.77 -5.53
CA VAL D 86 24.96 17.97 -4.24
C VAL D 86 24.89 19.46 -3.90
N SER D 87 25.98 20.18 -4.15
CA SER D 87 26.03 21.61 -3.85
C SER D 87 25.03 22.38 -4.72
N TYR D 88 25.02 22.09 -6.02
CA TYR D 88 24.05 22.75 -6.90
C TYR D 88 22.63 22.52 -6.39
N VAL D 89 22.29 21.28 -6.08
CA VAL D 89 20.96 20.99 -5.57
C VAL D 89 20.70 21.88 -4.37
N ASN D 90 21.48 21.68 -3.30
CA ASN D 90 21.18 22.29 -2.02
C ASN D 90 21.16 23.81 -2.10
N THR D 91 21.96 24.42 -2.98
CA THR D 91 22.01 25.87 -3.07
C THR D 91 20.94 26.40 -4.02
N ASN D 92 21.04 26.04 -5.30
CA ASN D 92 20.13 26.59 -6.30
C ASN D 92 18.70 26.14 -6.05
N MET D 93 18.46 24.83 -6.07
CA MET D 93 17.10 24.37 -5.90
C MET D 93 16.60 24.63 -4.49
N GLY D 94 17.51 24.65 -3.52
CA GLY D 94 17.15 24.96 -2.16
C GLY D 94 16.65 26.38 -1.99
N LEU D 95 17.24 27.33 -2.72
CA LEU D 95 16.77 28.71 -2.65
C LEU D 95 15.31 28.81 -3.06
N LYS D 96 14.96 28.24 -4.22
CA LYS D 96 13.57 28.25 -4.66
C LYS D 96 12.68 27.49 -3.69
N PHE D 97 13.14 26.33 -3.21
CA PHE D 97 12.35 25.56 -2.27
C PHE D 97 12.03 26.37 -1.03
N ARG D 98 13.01 27.13 -0.53
CA ARG D 98 12.78 27.86 0.72
C ARG D 98 12.02 29.15 0.49
N GLN D 99 12.14 29.77 -0.68
CA GLN D 99 11.21 30.82 -1.07
C GLN D 99 9.77 30.33 -1.00
N LEU D 100 9.51 29.18 -1.64
CA LEU D 100 8.15 28.65 -1.68
C LEU D 100 7.65 28.29 -0.28
N LEU D 101 8.51 27.63 0.50
CA LEU D 101 8.13 27.26 1.86
C LEU D 101 7.82 28.49 2.70
N TRP D 102 8.69 29.50 2.65
CA TRP D 102 8.42 30.74 3.36
C TRP D 102 7.07 31.32 2.95
N PHE D 103 6.85 31.50 1.65
CA PHE D 103 5.61 32.11 1.19
C PHE D 103 4.39 31.37 1.71
N HIS D 104 4.40 30.04 1.59
CA HIS D 104 3.21 29.28 1.95
C HIS D 104 3.00 29.21 3.45
N ILE D 105 4.06 28.93 4.21
CA ILE D 105 3.94 28.90 5.66
C ILE D 105 3.48 30.23 6.18
N SER D 106 3.93 31.33 5.57
CA SER D 106 3.51 32.65 6.02
C SER D 106 2.05 32.92 5.67
N CYS D 107 1.67 32.70 4.41
CA CYS D 107 0.29 32.94 4.02
C CYS D 107 -0.68 32.01 4.74
N LEU D 108 -0.19 30.92 5.31
CA LEU D 108 -1.02 30.05 6.15
C LEU D 108 -1.07 30.54 7.59
N THR D 109 0.07 31.01 8.12
CA THR D 109 0.13 31.47 9.49
C THR D 109 -0.51 32.84 9.67
N PHE D 110 -0.28 33.75 8.73
CA PHE D 110 -0.69 35.15 8.86
C PHE D 110 -1.79 35.52 7.87
N GLY D 111 -1.56 35.33 6.58
CA GLY D 111 -2.57 35.60 5.57
C GLY D 111 -1.97 36.25 4.34
N ARG D 112 -2.74 36.20 3.24
CA ARG D 112 -2.27 36.77 1.98
C ARG D 112 -2.10 38.28 2.11
N GLU D 113 -3.10 38.95 2.68
CA GLU D 113 -3.03 40.39 2.85
C GLU D 113 -1.81 40.77 3.68
N THR D 114 -1.65 40.13 4.83
CA THR D 114 -0.53 40.44 5.72
C THR D 114 0.80 40.20 5.02
N VAL D 115 0.91 39.11 4.25
CA VAL D 115 2.19 38.78 3.64
C VAL D 115 2.51 39.74 2.51
N ILE D 116 1.50 40.16 1.74
CA ILE D 116 1.76 41.10 0.66
C ILE D 116 2.10 42.48 1.21
N GLU D 117 1.36 42.92 2.23
CA GLU D 117 1.72 44.17 2.89
C GLU D 117 3.14 44.09 3.46
N TYR D 118 3.51 42.95 4.02
CA TYR D 118 4.87 42.77 4.52
C TYR D 118 5.88 42.89 3.40
N LEU D 119 5.58 42.30 2.24
CA LEU D 119 6.51 42.36 1.13
C LEU D 119 6.71 43.80 0.66
N VAL D 120 5.62 44.55 0.55
CA VAL D 120 5.71 45.94 0.11
C VAL D 120 6.49 46.76 1.13
N SER D 121 6.15 46.62 2.41
CA SER D 121 6.84 47.39 3.46
C SER D 121 8.32 47.04 3.51
N PHE D 122 8.67 45.76 3.37
CA PHE D 122 10.07 45.37 3.36
C PHE D 122 10.78 45.88 2.12
N GLY D 123 10.07 45.98 1.00
CA GLY D 123 10.66 46.61 -0.17
C GLY D 123 10.99 48.06 0.08
N VAL D 124 10.06 48.80 0.70
CA VAL D 124 10.34 50.17 1.09
C VAL D 124 11.58 50.22 1.99
N TRP D 125 11.59 49.39 3.03
CA TRP D 125 12.67 49.40 4.00
C TRP D 125 14.02 49.11 3.34
N ILE D 126 14.06 48.17 2.41
CA ILE D 126 15.33 47.73 1.84
C ILE D 126 15.77 48.58 0.64
N ARG D 127 14.85 49.27 -0.01
CA ARG D 127 15.25 50.26 -1.01
C ARG D 127 15.70 51.55 -0.37
N THR D 128 15.16 51.88 0.81
CA THR D 128 15.64 53.02 1.56
C THR D 128 17.13 52.88 1.86
N PRO D 129 17.97 53.82 1.46
CA PRO D 129 19.39 53.72 1.78
C PRO D 129 19.62 53.63 3.28
N PRO D 130 20.78 53.14 3.72
CA PRO D 130 20.97 52.88 5.15
C PRO D 130 20.92 54.13 6.00
N ALA D 131 21.47 55.25 5.52
CA ALA D 131 21.51 56.46 6.32
C ALA D 131 20.14 56.89 6.80
N TYR D 132 19.07 56.46 6.13
CA TYR D 132 17.71 56.79 6.50
C TYR D 132 16.87 55.54 6.73
N ARG D 133 17.53 54.40 6.97
CA ARG D 133 16.85 53.13 7.17
C ARG D 133 16.75 52.83 8.65
N PRO D 134 15.55 52.76 9.23
CA PRO D 134 15.44 52.37 10.63
C PRO D 134 15.97 50.98 10.85
N PRO D 135 16.32 50.63 12.09
CA PRO D 135 16.77 49.26 12.37
C PRO D 135 15.60 48.31 12.59
N ASN D 136 14.47 48.87 13.01
CA ASN D 136 13.27 48.08 13.29
C ASN D 136 12.60 47.70 11.97
N ALA D 137 13.26 46.79 11.26
CA ALA D 137 12.71 46.30 10.01
C ALA D 137 11.33 45.68 10.25
N PRO D 138 10.53 45.55 9.19
CA PRO D 138 9.25 44.84 9.35
C PRO D 138 9.49 43.37 9.61
N ILE D 139 8.80 42.86 10.63
CA ILE D 139 8.97 41.48 11.07
C ILE D 139 7.58 40.93 11.33
N LEU D 140 7.17 39.94 10.54
CA LEU D 140 5.86 39.33 10.69
C LEU D 140 5.67 38.83 12.11
N SER D 141 4.49 39.10 12.68
CA SER D 141 4.21 38.73 14.06
C SER D 141 2.71 38.80 14.31
N THR D 142 2.27 37.99 15.26
CA THR D 142 0.90 38.01 15.76
C THR D 142 0.79 38.78 17.07
N LEU D 143 1.79 39.57 17.41
CA LEU D 143 1.88 40.26 18.69
C LEU D 143 2.23 41.72 18.48
C25 TRT E . -4.02 -28.85 -5.27
O24 TRT E . -5.06 -28.03 -5.76
C23 TRT E . -6.32 -28.66 -5.67
C22 TRT E . -7.40 -27.74 -6.14
O21 TRT E . -8.29 -27.46 -5.07
C20 TRT E . -9.20 -28.50 -4.80
C19 TRT E . -10.22 -28.03 -3.81
O18 TRT E . -9.55 -27.41 -2.72
C17 TRT E . -10.45 -26.77 -1.82
C16 TRT E . -9.88 -25.46 -1.40
O15 TRT E . -9.79 -25.46 0.03
C12 TRT E . -8.87 -24.62 0.62
C13 TRT E . -8.23 -25.07 1.75
C14 TRT E . -7.35 -24.23 2.42
C11 TRT E . -8.63 -23.35 0.14
C10 TRT E . -7.75 -22.52 0.81
C9 TRT E . -7.11 -22.95 1.96
C6 TRT E . -6.20 -21.99 2.76
C8 TRT E . -5.90 -22.56 4.15
C7 TRT E . -6.93 -20.66 3.00
C5 TRT E . -4.87 -21.66 2.02
C1 TRT E . -3.72 -22.61 1.60
C2 TRT E . -3.24 -23.54 2.72
C4 TRT E . -2.57 -21.70 1.20
C3 TRT E . -4.12 -23.46 0.40
C25 TRT F . 6.26 -19.73 15.69
O24 TRT F . 5.29 -18.94 16.35
C23 TRT F . 5.86 -17.96 17.19
C22 TRT F . 4.79 -17.15 17.85
O21 TRT F . 4.01 -16.51 16.85
C20 TRT F . 3.00 -15.66 17.38
C19 TRT F . 2.70 -14.57 16.39
O18 TRT F . 1.39 -14.06 16.63
C17 TRT F . 0.54 -14.20 15.50
C16 TRT F . 0.25 -15.64 15.26
O15 TRT F . -1.12 -15.78 14.85
C12 TRT F . -1.41 -16.68 13.86
C13 TRT F . -1.01 -16.44 12.57
C14 TRT F . -1.37 -17.33 11.56
C11 TRT F . -2.15 -17.82 14.16
C10 TRT F . -2.51 -18.69 13.15
C9 TRT F . -2.13 -18.45 11.83
C6 TRT F . -2.60 -19.37 10.69
C8 TRT F . -1.91 -18.98 9.38
C7 TRT F . -4.11 -19.19 10.46
C5 TRT F . -2.36 -20.87 10.98
C1 TRT F . -1.05 -21.71 10.86
C2 TRT F . -0.03 -21.28 11.91
C4 TRT F . -0.39 -21.65 9.49
C3 TRT F . -1.45 -23.15 11.13
C25 TRT G . 11.22 4.87 -10.48
O24 TRT G . 10.09 5.47 -9.89
C23 TRT G . 9.29 4.55 -9.19
C22 TRT G . 7.86 4.93 -9.31
O21 TRT G . 7.37 5.35 -8.04
C20 TRT G . 5.96 5.56 -8.04
C19 TRT G . 5.55 6.17 -6.75
O18 TRT G . 6.21 7.41 -6.57
C17 TRT G . 6.02 7.96 -5.27
C16 TRT G . 6.34 9.41 -5.28
O15 TRT G . 5.36 10.07 -6.12
C12 TRT G . 5.72 11.24 -6.73
C13 TRT G . 6.69 12.09 -6.22
C14 TRT G . 6.97 13.28 -6.86
C11 TRT G . 5.05 11.58 -7.89
C10 TRT G . 5.35 12.78 -8.53
C9 TRT G . 6.30 13.65 -8.01
C6 TRT G . 6.56 15.01 -8.68
C8 TRT G . 7.06 16.02 -7.66
C7 TRT G . 5.25 15.57 -9.24
C5 TRT G . 7.55 14.91 -9.88
C1 TRT G . 8.98 14.31 -9.91
C2 TRT G . 8.92 12.79 -10.02
C4 TRT G . 9.82 14.68 -8.70
C3 TRT G . 9.65 14.85 -11.17
C25 TRT H . 18.32 29.60 -7.32
O24 TRT H . 17.23 30.37 -6.86
C23 TRT H . 16.92 31.41 -7.76
C22 TRT H . 15.67 32.11 -7.31
O21 TRT H . 14.61 31.83 -8.22
C20 TRT H . 13.34 32.12 -7.65
C19 TRT H . 12.34 32.36 -8.74
O18 TRT H . 12.16 31.17 -9.49
C17 TRT H . 10.90 30.55 -9.28
C16 TRT H . 10.84 29.96 -7.92
O15 TRT H . 9.64 29.17 -7.83
C12 TRT H . 9.77 27.82 -7.59
C13 TRT H . 9.60 27.34 -6.31
C14 TRT H . 9.62 25.97 -6.08
C11 TRT H . 10.01 26.95 -8.63
C10 TRT H . 10.03 25.59 -8.40
C9 TRT H . 9.82 25.07 -7.13
C6 TRT H . 9.69 23.56 -6.91
C8 TRT H . 9.82 22.81 -8.23
C7 TRT H . 8.30 23.23 -6.36
C5 TRT H . 10.73 23.02 -5.89
C1 TRT H . 12.26 22.77 -6.07
C2 TRT H . 12.72 22.06 -4.80
C4 TRT H . 13.00 24.10 -6.18
C3 TRT H . 12.62 21.91 -7.27
#